data_3TJM
#
_entry.id   3TJM
#
_cell.length_a   50.915
_cell.length_b   62.097
_cell.length_c   76.511
_cell.angle_alpha   90.00
_cell.angle_beta   90.00
_cell.angle_gamma   90.00
#
_symmetry.space_group_name_H-M   'P 21 21 21'
#
loop_
_entity.id
_entity.type
_entity.pdbx_description
1 polymer 'Fatty acid synthase'
2 non-polymer 'methyl (R)-(6Z,9Z,12Z)-octadeca-6,9,12-trien-1-ylphosphonofluoridate'
3 water water
#
_entity_poly.entity_id   1
_entity_poly.type   'polypeptide(L)'
_entity_poly.pdbx_seq_one_letter_code
;NLRSLLVNPEGPTLMRLNSVQSSERPLFLVHPIEGSTTVFHSLASRLSIPTYGLQCTRAAPLDSIHSLAAYYIDCIRQVQ
PEGPYRVAGYSYGACVAFEMCSQLQAQQSPAPTHNSLFLFDGSPTYVLAYTGSYRAKLTPGCEAEAETEAICFFVQQFTD
MEHNRVLEALLPLKGLEERVAAAVDLIIKSHQGLDRQELSFAARSFYYKLRAAEQYTPKAKYHGNVMLLRAKTGGAYGEA
AGADYNLSQVCDGKVSVHVIEGDHATLLEGSGLESIISIIHSS
;
_entity_poly.pdbx_strand_id   A
#
loop_
_chem_comp.id
_chem_comp.type
_chem_comp.name
_chem_comp.formula
7FA non-polymer 'methyl (R)-(6Z,9Z,12Z)-octadeca-6,9,12-trien-1-ylphosphonofluoridate' 'C19 H34 F O2 P'
#
# COMPACT_ATOMS: atom_id res chain seq x y z
N ASN A 1 15.98 -3.03 6.62
CA ASN A 1 15.81 -3.25 8.09
C ASN A 1 14.46 -3.88 8.35
N LEU A 2 14.47 -5.07 8.95
CA LEU A 2 13.27 -5.90 9.02
C LEU A 2 12.12 -5.28 9.77
N ARG A 3 12.37 -4.49 10.81
CA ARG A 3 11.21 -3.94 11.52
C ARG A 3 10.48 -2.86 10.69
N SER A 4 11.13 -2.32 9.65
CA SER A 4 10.44 -1.48 8.64
C SER A 4 9.37 -2.25 7.85
N LEU A 5 9.43 -3.58 7.91
CA LEU A 5 8.45 -4.45 7.25
C LEU A 5 7.36 -4.86 8.21
N LEU A 6 7.36 -4.21 9.38
CA LEU A 6 6.40 -4.52 10.45
C LEU A 6 5.64 -3.26 10.92
N VAL A 7 4.44 -3.50 11.41
CA VAL A 7 3.58 -2.45 11.96
C VAL A 7 3.18 -2.86 13.37
N ASN A 8 3.10 -1.89 14.27
CA ASN A 8 2.45 -2.13 15.57
C ASN A 8 0.96 -2.38 15.31
N PRO A 9 0.47 -3.61 15.53
CA PRO A 9 -0.94 -3.83 15.17
C PRO A 9 -1.94 -2.97 15.94
N GLU A 10 -1.51 -2.46 17.09
CA GLU A 10 -2.35 -1.58 17.92
C GLU A 10 -1.91 -0.14 17.79
N GLY A 11 -1.04 0.17 16.84
CA GLY A 11 -0.62 1.56 16.59
C GLY A 11 -1.73 2.38 15.95
N PRO A 12 -1.51 3.68 15.82
CA PRO A 12 -2.51 4.56 15.21
C PRO A 12 -2.53 4.41 13.69
N THR A 13 -3.69 4.49 13.09
CA THR A 13 -3.78 4.40 11.63
C THR A 13 -3.18 5.64 10.97
N LEU A 14 -3.56 6.81 11.48
CA LEU A 14 -3.04 8.07 10.97
C LEU A 14 -1.89 8.55 11.85
N MET A 15 -0.79 8.93 11.22
CA MET A 15 0.37 9.43 11.97
CA MET A 15 0.40 9.40 11.96
C MET A 15 0.99 10.65 11.34
N ARG A 16 1.31 11.60 12.19
CA ARG A 16 1.95 12.81 11.71
C ARG A 16 3.42 12.52 11.43
N LEU A 17 3.85 12.68 10.16
CA LEU A 17 5.20 12.32 9.69
C LEU A 17 6.20 13.48 9.65
N ASN A 18 5.72 14.70 9.79
CA ASN A 18 6.62 15.86 9.91
C ASN A 18 6.02 16.86 10.91
N SER A 19 6.72 17.97 11.15
CA SER A 19 6.31 18.93 12.17
C SER A 19 5.89 20.27 11.59
N VAL A 20 5.64 20.31 10.28
CA VAL A 20 5.18 21.55 9.66
C VAL A 20 3.83 21.92 10.21
N GLN A 21 3.71 23.17 10.66
CA GLN A 21 2.46 23.69 11.20
C GLN A 21 2.02 24.92 10.41
N SER A 22 0.92 24.80 9.70
CA SER A 22 0.38 25.88 8.89
C SER A 22 -1.07 25.61 8.56
N SER A 23 -1.71 26.55 7.85
CA SER A 23 -3.09 26.35 7.45
C SER A 23 -3.17 25.63 6.11
N GLU A 24 -2.02 25.25 5.55
CA GLU A 24 -2.03 24.47 4.30
C GLU A 24 -2.60 23.09 4.55
N ARG A 25 -3.53 22.68 3.71
CA ARG A 25 -4.10 21.33 3.83
C ARG A 25 -2.99 20.29 3.75
N PRO A 26 -3.06 19.24 4.62
CA PRO A 26 -1.99 18.25 4.63
C PRO A 26 -1.94 17.36 3.41
N LEU A 27 -0.83 16.67 3.24
CA LEU A 27 -0.70 15.60 2.27
C LEU A 27 -0.77 14.29 3.06
N PHE A 28 -1.62 13.37 2.61
CA PHE A 28 -1.77 12.04 3.26
C PHE A 28 -1.12 10.97 2.38
N LEU A 29 -0.24 10.17 2.98
CA LEU A 29 0.59 9.20 2.26
C LEU A 29 0.19 7.79 2.64
N VAL A 30 -0.18 6.96 1.65
CA VAL A 30 -0.65 5.61 1.91
C VAL A 30 0.44 4.58 1.68
N HIS A 31 0.61 3.75 2.71
CA HIS A 31 1.63 2.70 2.80
C HIS A 31 1.74 1.76 1.59
N PRO A 32 2.94 1.21 1.37
CA PRO A 32 3.11 0.08 0.44
C PRO A 32 2.63 -1.23 1.08
N ILE A 33 2.88 -2.35 0.42
CA ILE A 33 2.27 -3.60 0.84
C ILE A 33 2.61 -3.98 2.31
N GLU A 34 3.81 -3.66 2.76
CA GLU A 34 4.18 -4.04 4.12
C GLU A 34 3.38 -3.29 5.19
N GLY A 35 2.70 -2.20 4.82
CA GLY A 35 1.75 -1.60 5.74
C GLY A 35 2.27 -0.43 6.56
N SER A 36 3.59 -0.26 6.58
CA SER A 36 4.25 0.76 7.37
C SER A 36 4.47 2.04 6.56
N THR A 37 4.75 3.11 7.30
CA THR A 37 5.01 4.40 6.66
C THR A 37 6.50 4.77 6.61
N THR A 38 7.37 3.84 7.02
CA THR A 38 8.82 4.06 7.06
C THR A 38 9.40 4.58 5.75
N VAL A 39 8.90 4.07 4.62
CA VAL A 39 9.43 4.46 3.30
C VAL A 39 9.23 5.96 3.03
N PHE A 40 8.31 6.59 3.76
CA PHE A 40 8.01 8.01 3.54
C PHE A 40 8.77 8.99 4.42
N HIS A 41 9.64 8.47 5.29
CA HIS A 41 10.31 9.37 6.24
C HIS A 41 11.13 10.45 5.54
N SER A 42 11.89 10.06 4.52
CA SER A 42 12.75 11.07 3.86
C SER A 42 11.90 12.13 3.16
N LEU A 43 10.86 11.67 2.47
CA LEU A 43 9.97 12.59 1.78
C LEU A 43 9.31 13.53 2.77
N ALA A 44 8.70 12.97 3.84
CA ALA A 44 8.00 13.81 4.81
C ALA A 44 8.88 14.84 5.46
N SER A 45 10.11 14.47 5.77
CA SER A 45 11.03 15.41 6.44
C SER A 45 11.33 16.61 5.57
N ARG A 46 11.24 16.42 4.24
CA ARG A 46 11.60 17.46 3.27
C ARG A 46 10.42 18.32 2.82
N LEU A 47 9.19 17.82 2.95
CA LEU A 47 8.07 18.61 2.46
C LEU A 47 7.73 19.80 3.32
N SER A 48 7.31 20.89 2.69
CA SER A 48 6.98 22.12 3.37
C SER A 48 5.54 22.21 3.77
N ILE A 49 4.79 21.12 3.56
CA ILE A 49 3.39 21.09 3.96
C ILE A 49 3.24 20.03 5.04
N PRO A 50 2.22 20.20 5.91
CA PRO A 50 1.95 19.19 6.94
C PRO A 50 1.75 17.85 6.25
N THR A 51 2.40 16.80 6.75
CA THR A 51 2.38 15.50 6.09
C THR A 51 2.02 14.41 7.11
N TYR A 52 1.05 13.58 6.73
CA TYR A 52 0.63 12.43 7.51
C TYR A 52 0.81 11.15 6.71
N GLY A 53 0.98 10.06 7.44
CA GLY A 53 0.99 8.71 6.82
C GLY A 53 -0.19 7.91 7.33
N LEU A 54 -0.60 6.96 6.49
CA LEU A 54 -1.58 5.96 6.88
C LEU A 54 -0.87 4.61 6.89
N GLN A 55 -0.91 3.94 8.05
CA GLN A 55 -0.38 2.57 8.16
C GLN A 55 -1.51 1.59 8.38
N CYS A 56 -1.25 0.33 8.08
CA CYS A 56 -2.29 -0.70 8.08
C CYS A 56 -2.22 -1.53 9.36
N THR A 57 -3.14 -1.26 10.28
CA THR A 57 -3.07 -1.89 11.62
C THR A 57 -4.18 -2.93 11.75
N ARG A 58 -4.30 -3.52 12.94
CA ARG A 58 -5.33 -4.53 13.15
C ARG A 58 -6.74 -3.98 12.92
N ALA A 59 -6.92 -2.68 13.10
CA ALA A 59 -8.21 -2.01 12.96
C ALA A 59 -8.68 -1.83 11.52
N ALA A 60 -7.78 -2.03 10.56
CA ALA A 60 -8.12 -1.80 9.14
C ALA A 60 -8.99 -2.93 8.60
N PRO A 61 -10.11 -2.60 7.95
CA PRO A 61 -10.90 -3.69 7.34
C PRO A 61 -10.29 -4.08 6.00
N LEU A 62 -9.94 -5.34 5.87
CA LEU A 62 -9.23 -5.83 4.68
C LEU A 62 -10.10 -6.75 3.81
N ASP A 63 -11.41 -6.71 3.99
CA ASP A 63 -12.27 -7.53 3.13
C ASP A 63 -12.21 -7.08 1.66
N SER A 64 -11.93 -5.79 1.44
CA SER A 64 -11.78 -5.26 0.08
C SER A 64 -10.99 -3.97 0.11
N ILE A 65 -10.48 -3.58 -1.05
CA ILE A 65 -9.86 -2.27 -1.13
C ILE A 65 -10.90 -1.17 -0.90
N HIS A 66 -12.16 -1.44 -1.26
CA HIS A 66 -13.23 -0.49 -1.02
CA HIS A 66 -13.22 -0.46 -1.03
C HIS A 66 -13.37 -0.19 0.47
N SER A 67 -13.40 -1.25 1.27
CA SER A 67 -13.53 -1.08 2.72
C SER A 67 -12.31 -0.39 3.34
N LEU A 68 -11.12 -0.80 2.90
CA LEU A 68 -9.89 -0.21 3.43
C LEU A 68 -9.85 1.30 3.16
N ALA A 69 -10.20 1.66 1.94
CA ALA A 69 -10.17 3.07 1.53
C ALA A 69 -11.18 3.88 2.32
N ALA A 70 -12.37 3.32 2.52
CA ALA A 70 -13.39 4.04 3.29
C ALA A 70 -12.94 4.28 4.76
N TYR A 71 -12.26 3.29 5.34
CA TYR A 71 -11.75 3.43 6.68
C TYR A 71 -10.66 4.52 6.73
N TYR A 72 -9.75 4.51 5.75
CA TYR A 72 -8.73 5.54 5.74
C TYR A 72 -9.33 6.95 5.56
N ILE A 73 -10.39 7.08 4.75
CA ILE A 73 -11.06 8.39 4.62
C ILE A 73 -11.65 8.80 5.97
N ASP A 74 -12.30 7.87 6.68
CA ASP A 74 -12.80 8.18 8.02
C ASP A 74 -11.65 8.70 8.90
N CYS A 75 -10.48 8.06 8.81
CA CYS A 75 -9.33 8.48 9.62
C CYS A 75 -8.83 9.87 9.28
N ILE A 76 -8.73 10.17 7.98
CA ILE A 76 -8.24 11.48 7.56
C ILE A 76 -9.20 12.60 8.02
N ARG A 77 -10.48 12.27 8.07
CA ARG A 77 -11.49 13.26 8.44
C ARG A 77 -11.41 13.65 9.89
N GLN A 78 -10.64 12.91 10.69
CA GLN A 78 -10.44 13.27 12.09
C GLN A 78 -9.49 14.45 12.23
N VAL A 79 -8.69 14.72 11.20
CA VAL A 79 -7.82 15.92 11.22
C VAL A 79 -8.25 16.97 10.18
N GLN A 80 -8.87 16.53 9.10
CA GLN A 80 -9.33 17.43 8.05
C GLN A 80 -10.76 17.03 7.66
N PRO A 81 -11.77 17.59 8.36
CA PRO A 81 -13.16 17.12 8.15
C PRO A 81 -13.72 17.34 6.74
N GLU A 82 -13.24 18.35 6.03
CA GLU A 82 -13.76 18.66 4.69
C GLU A 82 -12.64 18.75 3.68
N GLY A 83 -12.98 18.47 2.42
CA GLY A 83 -12.02 18.57 1.33
C GLY A 83 -11.75 19.99 0.89
N PRO A 84 -11.02 20.16 -0.23
CA PRO A 84 -10.44 19.07 -1.02
C PRO A 84 -9.25 18.40 -0.33
N TYR A 85 -8.98 17.16 -0.73
CA TYR A 85 -7.91 16.34 -0.12
C TYR A 85 -6.76 16.11 -1.04
N ARG A 86 -5.56 16.05 -0.46
CA ARG A 86 -4.33 15.73 -1.16
C ARG A 86 -3.88 14.34 -0.70
N VAL A 87 -3.87 13.36 -1.59
CA VAL A 87 -3.61 11.98 -1.21
C VAL A 87 -2.60 11.40 -2.18
N ALA A 88 -1.61 10.71 -1.64
CA ALA A 88 -0.66 9.99 -2.43
C ALA A 88 -0.51 8.59 -1.89
N GLY A 89 -0.17 7.67 -2.77
CA GLY A 89 0.08 6.30 -2.33
C GLY A 89 1.23 5.71 -3.09
N TYR A 90 1.99 4.85 -2.42
CA TYR A 90 3.16 4.24 -3.04
C TYR A 90 2.96 2.73 -3.20
N SER A 91 3.19 2.24 -4.41
CA SER A 91 3.09 0.82 -4.69
C SER A 91 1.67 0.29 -4.36
N TYR A 92 1.53 -0.68 -3.46
CA TYR A 92 0.20 -1.15 -3.04
C TYR A 92 -0.69 0.03 -2.66
N GLY A 93 -0.11 1.00 -1.96
CA GLY A 93 -0.87 2.19 -1.52
C GLY A 93 -1.41 3.07 -2.63
N ALA A 94 -0.83 2.99 -3.83
CA ALA A 94 -1.35 3.77 -4.96
C ALA A 94 -2.76 3.32 -5.32
N CYS A 95 -2.99 2.02 -5.30
CA CYS A 95 -4.32 1.53 -5.59
C CYS A 95 -5.30 1.97 -4.50
N VAL A 96 -4.86 1.93 -3.23
CA VAL A 96 -5.71 2.39 -2.14
C VAL A 96 -6.02 3.88 -2.28
N ALA A 97 -5.00 4.70 -2.56
CA ALA A 97 -5.19 6.12 -2.73
C ALA A 97 -6.15 6.43 -3.87
N PHE A 98 -6.01 5.72 -4.98
CA PHE A 98 -6.93 5.82 -6.12
C PHE A 98 -8.38 5.55 -5.67
N GLU A 99 -8.57 4.46 -4.94
CA GLU A 99 -9.90 4.17 -4.46
C GLU A 99 -10.41 5.21 -3.46
N MET A 100 -9.52 5.74 -2.60
CA MET A 100 -9.95 6.81 -1.70
C MET A 100 -10.46 8.03 -2.46
N CYS A 101 -9.69 8.49 -3.44
CA CYS A 101 -10.14 9.64 -4.21
C CYS A 101 -11.38 9.33 -5.03
N SER A 102 -11.51 8.08 -5.49
CA SER A 102 -12.74 7.70 -6.21
C SER A 102 -13.95 7.84 -5.28
N GLN A 103 -13.80 7.41 -4.03
CA GLN A 103 -14.91 7.52 -3.07
C GLN A 103 -15.20 8.96 -2.70
N LEU A 104 -14.15 9.77 -2.64
CA LEU A 104 -14.35 11.18 -2.34
C LEU A 104 -15.09 11.86 -3.50
N GLN A 105 -14.73 11.49 -4.75
CA GLN A 105 -15.39 12.00 -6.00
C GLN A 105 -16.88 11.77 -5.87
N ALA A 106 -17.23 10.51 -5.62
CA ALA A 106 -18.62 10.09 -5.62
C ALA A 106 -19.42 10.64 -4.44
N GLN A 107 -18.73 11.12 -3.41
CA GLN A 107 -19.37 11.61 -2.17
C GLN A 107 -19.63 13.11 -2.20
N GLN A 108 -18.70 13.86 -2.77
CA GLN A 108 -18.82 15.31 -2.88
C GLN A 108 -19.70 15.71 -4.07
N SER A 109 -20.03 14.74 -4.91
CA SER A 109 -20.89 14.96 -6.06
C SER A 109 -22.28 15.45 -5.62
N PRO A 110 -22.99 16.20 -6.50
CA PRO A 110 -22.67 16.61 -7.86
C PRO A 110 -21.76 17.83 -7.97
N ALA A 111 -21.40 18.40 -6.83
CA ALA A 111 -20.54 19.57 -6.79
C ALA A 111 -19.20 19.26 -7.46
N PRO A 112 -18.61 20.26 -8.16
CA PRO A 112 -17.29 20.05 -8.76
C PRO A 112 -16.27 19.70 -7.68
N THR A 113 -15.38 18.77 -8.00
CA THR A 113 -14.39 18.23 -7.06
C THR A 113 -12.98 18.69 -7.44
N HIS A 114 -12.11 18.86 -6.44
CA HIS A 114 -10.77 19.43 -6.65
C HIS A 114 -9.66 18.70 -5.87
N ASN A 115 -9.84 17.40 -5.63
CA ASN A 115 -8.83 16.63 -4.90
C ASN A 115 -7.57 16.38 -5.72
N SER A 116 -6.44 16.19 -5.06
CA SER A 116 -5.20 15.88 -5.76
C SER A 116 -4.79 14.45 -5.46
N LEU A 117 -4.59 13.67 -6.50
CA LEU A 117 -4.15 12.29 -6.37
C LEU A 117 -2.80 12.11 -7.01
N PHE A 118 -1.81 11.68 -6.21
CA PHE A 118 -0.47 11.36 -6.70
C PHE A 118 -0.26 9.89 -6.48
N LEU A 119 0.15 9.20 -7.53
CA LEU A 119 0.44 7.79 -7.45
C LEU A 119 1.96 7.65 -7.61
N PHE A 120 2.62 7.07 -6.60
CA PHE A 120 4.06 6.83 -6.65
C PHE A 120 4.22 5.37 -7.05
N ASP A 121 4.49 5.13 -8.32
CA ASP A 121 4.76 3.79 -8.83
C ASP A 121 3.71 2.74 -8.44
N GLY A 122 2.48 3.02 -8.82
CA GLY A 122 1.41 2.03 -8.69
C GLY A 122 0.14 2.49 -9.38
N SER A 123 -0.88 1.65 -9.32
CA SER A 123 -2.16 1.88 -10.01
C SER A 123 -3.07 0.71 -9.66
N PRO A 124 -4.36 0.81 -10.00
CA PRO A 124 -5.28 -0.33 -9.80
C PRO A 124 -4.83 -1.69 -10.33
N THR A 125 -3.98 -1.72 -11.36
CA THR A 125 -3.54 -3.00 -11.94
C THR A 125 -2.13 -3.44 -11.49
N TYR A 126 -1.43 -2.54 -10.82
CA TYR A 126 0.01 -2.71 -10.51
C TYR A 126 0.31 -3.94 -9.67
N VAL A 127 -0.45 -4.17 -8.58
CA VAL A 127 -0.25 -5.34 -7.71
C VAL A 127 -0.64 -6.62 -8.45
N LEU A 128 -1.73 -6.57 -9.21
CA LEU A 128 -2.25 -7.73 -9.96
C LEU A 128 -1.22 -8.41 -10.84
N ALA A 129 -0.37 -7.63 -11.47
CA ALA A 129 0.76 -8.16 -12.24
C ALA A 129 1.63 -9.08 -11.40
N TYR A 130 1.91 -8.69 -10.16
CA TYR A 130 2.71 -9.52 -9.25
C TYR A 130 1.98 -10.80 -8.84
N THR A 131 0.73 -10.69 -8.42
CA THR A 131 -0.04 -11.85 -7.95
C THR A 131 -0.24 -12.93 -9.03
N GLY A 132 -0.56 -12.52 -10.25
CA GLY A 132 -0.71 -13.47 -11.38
C GLY A 132 0.50 -14.34 -11.65
N SER A 133 1.70 -13.75 -11.55
CA SER A 133 2.95 -14.49 -11.72
C SER A 133 3.11 -15.63 -10.72
N TYR A 134 2.57 -15.44 -9.52
CA TYR A 134 2.62 -16.46 -8.48
C TYR A 134 1.47 -17.45 -8.61
N ARG A 135 0.31 -16.96 -9.02
CA ARG A 135 -0.86 -17.81 -9.36
C ARG A 135 -0.51 -18.84 -10.43
N ALA A 136 0.37 -18.45 -11.35
CA ALA A 136 0.88 -19.34 -12.40
C ALA A 136 1.46 -20.65 -11.86
N LYS A 137 1.89 -20.63 -10.60
CA LYS A 137 2.56 -21.76 -9.99
C LYS A 137 1.58 -22.73 -9.32
N LEU A 138 0.29 -22.39 -9.34
CA LEU A 138 -0.65 -23.03 -8.42
C LEU A 138 -1.81 -23.76 -9.07
N THR A 139 -2.32 -24.78 -8.39
CA THR A 139 -3.51 -25.50 -8.82
C THR A 139 -4.69 -24.56 -8.76
N PRO A 140 -5.41 -24.36 -9.89
CA PRO A 140 -6.56 -23.45 -9.92
C PRO A 140 -7.60 -23.80 -8.84
N GLY A 141 -8.06 -22.79 -8.12
CA GLY A 141 -9.09 -22.98 -7.09
C GLY A 141 -8.61 -23.55 -5.76
N CYS A 142 -7.30 -23.79 -5.63
CA CYS A 142 -6.76 -24.34 -4.40
C CYS A 142 -6.31 -23.23 -3.43
N GLU A 143 -7.21 -22.84 -2.53
CA GLU A 143 -6.91 -21.80 -1.54
C GLU A 143 -5.67 -22.10 -0.69
N ALA A 144 -5.50 -23.37 -0.34
CA ALA A 144 -4.39 -23.80 0.51
C ALA A 144 -3.06 -23.47 -0.16
N GLU A 145 -3.01 -23.65 -1.48
CA GLU A 145 -1.78 -23.40 -2.22
C GLU A 145 -1.48 -21.91 -2.29
N ALA A 146 -2.51 -21.09 -2.45
CA ALA A 146 -2.32 -19.64 -2.47
C ALA A 146 -1.85 -19.10 -1.12
N GLU A 147 -2.52 -19.49 -0.04
CA GLU A 147 -2.04 -19.17 1.32
C GLU A 147 -0.57 -19.57 1.46
N THR A 148 -0.23 -20.80 1.05
CA THR A 148 1.12 -21.34 1.20
C THR A 148 2.12 -20.48 0.44
N GLU A 149 1.78 -20.14 -0.80
CA GLU A 149 2.67 -19.32 -1.59
C GLU A 149 2.90 -17.95 -0.98
N ALA A 150 1.83 -17.34 -0.51
CA ALA A 150 1.93 -16.01 0.09
C ALA A 150 2.78 -16.06 1.37
N ILE A 151 2.49 -17.01 2.25
CA ILE A 151 3.21 -17.10 3.51
C ILE A 151 4.67 -17.51 3.28
N CYS A 152 4.90 -18.36 2.28
CA CYS A 152 6.28 -18.71 1.95
C CYS A 152 7.07 -17.48 1.56
N PHE A 153 6.49 -16.66 0.68
CA PHE A 153 7.13 -15.42 0.25
C PHE A 153 7.46 -14.54 1.45
N PHE A 154 6.48 -14.39 2.33
CA PHE A 154 6.66 -13.62 3.55
C PHE A 154 7.87 -14.12 4.35
N VAL A 155 7.96 -15.44 4.58
CA VAL A 155 9.10 -16.00 5.33
C VAL A 155 10.41 -15.66 4.64
N GLN A 156 10.42 -15.74 3.31
CA GLN A 156 11.65 -15.47 2.58
C GLN A 156 12.08 -14.01 2.62
N GLN A 157 11.16 -13.11 2.94
CA GLN A 157 11.56 -11.71 3.13
C GLN A 157 12.26 -11.48 4.47
N PHE A 158 11.97 -12.34 5.45
CA PHE A 158 12.47 -12.13 6.80
C PHE A 158 13.61 -13.08 7.17
N THR A 159 13.91 -14.02 6.29
CA THR A 159 14.94 -15.04 6.59
C THR A 159 15.74 -15.32 5.32
N ASP A 160 16.84 -16.05 5.46
CA ASP A 160 17.56 -16.51 4.28
C ASP A 160 17.12 -17.89 3.83
N MET A 161 15.89 -18.28 4.19
CA MET A 161 15.49 -19.66 3.96
C MET A 161 15.19 -19.96 2.51
N GLU A 162 15.55 -21.19 2.15
CA GLU A 162 15.35 -21.72 0.84
C GLU A 162 13.85 -22.00 0.57
N HIS A 163 13.41 -21.71 -0.64
CA HIS A 163 11.98 -21.72 -0.97
C HIS A 163 11.25 -23.04 -0.71
N ASN A 164 11.80 -24.14 -1.24
CA ASN A 164 11.06 -25.38 -1.21
C ASN A 164 10.87 -25.96 0.18
N ARG A 165 11.85 -25.82 1.07
CA ARG A 165 11.67 -26.39 2.42
C ARG A 165 10.63 -25.61 3.21
N VAL A 166 10.47 -24.32 2.91
CA VAL A 166 9.42 -23.54 3.57
C VAL A 166 8.07 -23.85 2.96
N LEU A 167 7.98 -23.89 1.63
CA LEU A 167 6.74 -24.26 0.98
C LEU A 167 6.25 -25.60 1.51
N GLU A 168 7.15 -26.58 1.59
CA GLU A 168 6.75 -27.92 1.98
C GLU A 168 6.29 -28.00 3.42
N ALA A 169 6.85 -27.13 4.28
CA ALA A 169 6.41 -27.08 5.68
C ALA A 169 5.01 -26.52 5.83
N LEU A 170 4.62 -25.63 4.92
CA LEU A 170 3.34 -24.90 5.06
C LEU A 170 2.19 -25.54 4.31
N LEU A 171 2.49 -26.22 3.21
CA LEU A 171 1.46 -26.76 2.34
C LEU A 171 0.41 -27.67 3.03
N PRO A 172 0.84 -28.66 3.85
CA PRO A 172 -0.15 -29.61 4.40
C PRO A 172 -0.86 -29.15 5.66
N LEU A 173 -0.61 -27.92 6.09
CA LEU A 173 -1.17 -27.50 7.35
C LEU A 173 -2.68 -27.27 7.23
N LYS A 174 -3.36 -27.19 8.37
CA LYS A 174 -4.82 -27.21 8.41
C LYS A 174 -5.42 -26.00 7.74
N GLY A 175 -4.78 -24.85 7.93
CA GLY A 175 -5.35 -23.59 7.46
C GLY A 175 -4.42 -22.43 7.64
N LEU A 176 -4.91 -21.22 7.35
CA LEU A 176 -4.06 -20.02 7.38
C LEU A 176 -3.40 -19.79 8.74
N GLU A 177 -4.16 -20.01 9.81
CA GLU A 177 -3.66 -19.73 11.16
C GLU A 177 -2.47 -20.63 11.52
N GLU A 178 -2.53 -21.89 11.12
CA GLU A 178 -1.40 -22.79 11.33
C GLU A 178 -0.21 -22.42 10.47
N ARG A 179 -0.47 -22.02 9.21
CA ARG A 179 0.62 -21.55 8.33
C ARG A 179 1.30 -20.32 8.93
N VAL A 180 0.51 -19.38 9.41
CA VAL A 180 1.07 -18.17 10.04
C VAL A 180 1.90 -18.53 11.26
N ALA A 181 1.39 -19.42 12.11
CA ALA A 181 2.14 -19.78 13.34
C ALA A 181 3.46 -20.45 12.98
N ALA A 182 3.44 -21.35 11.98
CA ALA A 182 4.67 -21.98 11.53
C ALA A 182 5.67 -20.94 11.01
N ALA A 183 5.17 -20.00 10.21
CA ALA A 183 6.00 -18.95 9.61
C ALA A 183 6.66 -18.09 10.68
N VAL A 184 5.87 -17.68 11.67
CA VAL A 184 6.42 -16.82 12.72
C VAL A 184 7.50 -17.57 13.52
N ASP A 185 7.27 -18.85 13.82
CA ASP A 185 8.28 -19.61 14.57
C ASP A 185 9.58 -19.70 13.74
N LEU A 186 9.46 -19.87 12.42
CA LEU A 186 10.68 -19.91 11.57
C LEU A 186 11.41 -18.57 11.56
N ILE A 187 10.66 -17.48 11.50
CA ILE A 187 11.28 -16.16 11.50
C ILE A 187 11.94 -15.86 12.84
N ILE A 188 11.26 -16.21 13.94
CA ILE A 188 11.81 -15.98 15.27
C ILE A 188 13.11 -16.76 15.46
N LYS A 189 13.18 -17.97 14.90
CA LYS A 189 14.42 -18.75 15.02
C LYS A 189 15.62 -17.96 14.48
N SER A 190 15.41 -17.31 13.34
CA SER A 190 16.40 -16.46 12.67
C SER A 190 16.61 -15.10 13.37
N HIS A 191 15.53 -14.55 13.93
CA HIS A 191 15.52 -13.17 14.42
C HIS A 191 14.78 -13.13 15.75
N GLN A 192 15.45 -13.60 16.79
CA GLN A 192 14.83 -13.88 18.09
C GLN A 192 14.21 -12.67 18.77
N GLY A 193 14.71 -11.49 18.43
CA GLY A 193 14.30 -10.26 19.04
C GLY A 193 13.10 -9.60 18.40
N LEU A 194 12.62 -10.13 17.28
CA LEU A 194 11.40 -9.56 16.66
C LEU A 194 10.16 -9.92 17.48
N ASP A 195 9.12 -9.09 17.39
CA ASP A 195 7.93 -9.32 18.16
C ASP A 195 7.00 -10.36 17.51
N ARG A 196 6.65 -11.40 18.26
CA ARG A 196 5.82 -12.50 17.76
C ARG A 196 4.46 -12.02 17.24
N GLN A 197 3.83 -11.13 17.97
CA GLN A 197 2.51 -10.66 17.58
C GLN A 197 2.57 -9.68 16.39
N GLU A 198 3.63 -8.87 16.30
CA GLU A 198 3.85 -8.06 15.09
C GLU A 198 4.02 -8.97 13.89
N LEU A 199 4.85 -10.01 14.02
CA LEU A 199 5.06 -10.95 12.93
C LEU A 199 3.78 -11.68 12.52
N SER A 200 2.99 -12.13 13.49
CA SER A 200 1.76 -12.86 13.21
C SER A 200 0.77 -11.98 12.46
N PHE A 201 0.59 -10.76 12.96
CA PHE A 201 -0.28 -9.85 12.28
C PHE A 201 0.18 -9.52 10.86
N ALA A 202 1.48 -9.29 10.71
CA ALA A 202 2.06 -8.99 9.39
C ALA A 202 1.85 -10.13 8.40
N ALA A 203 2.06 -11.35 8.86
CA ALA A 203 1.90 -12.52 7.97
C ALA A 203 0.44 -12.69 7.52
N ARG A 204 -0.47 -12.68 8.49
CA ARG A 204 -1.90 -12.87 8.19
C ARG A 204 -2.36 -11.72 7.26
N SER A 205 -2.03 -10.47 7.64
CA SER A 205 -2.50 -9.32 6.87
C SER A 205 -1.89 -9.31 5.48
N PHE A 206 -0.67 -9.82 5.32
CA PHE A 206 -0.06 -9.88 4.00
C PHE A 206 -0.96 -10.67 3.04
N TYR A 207 -1.43 -11.83 3.48
CA TYR A 207 -2.32 -12.62 2.64
C TYR A 207 -3.62 -11.88 2.32
N TYR A 208 -4.24 -11.27 3.35
CA TYR A 208 -5.51 -10.55 3.11
C TYR A 208 -5.31 -9.31 2.23
N LYS A 209 -4.19 -8.61 2.39
CA LYS A 209 -3.89 -7.46 1.53
C LYS A 209 -3.80 -7.90 0.08
N LEU A 210 -3.14 -9.04 -0.17
CA LEU A 210 -2.97 -9.52 -1.54
C LEU A 210 -4.33 -9.94 -2.12
N ARG A 211 -5.12 -10.66 -1.32
CA ARG A 211 -6.45 -11.09 -1.78
C ARG A 211 -7.29 -9.88 -2.17
N ALA A 212 -7.25 -8.84 -1.34
CA ALA A 212 -8.07 -7.65 -1.61
C ALA A 212 -7.62 -6.98 -2.90
N ALA A 213 -6.31 -6.87 -3.11
CA ALA A 213 -5.79 -6.27 -4.34
C ALA A 213 -6.15 -7.11 -5.58
N GLU A 214 -6.09 -8.43 -5.46
CA GLU A 214 -6.42 -9.30 -6.60
C GLU A 214 -7.86 -9.15 -7.05
N GLN A 215 -8.73 -8.91 -6.08
CA GLN A 215 -10.17 -8.86 -6.29
C GLN A 215 -10.66 -7.45 -6.65
N TYR A 216 -9.78 -6.46 -6.59
CA TYR A 216 -10.20 -5.08 -6.77
C TYR A 216 -10.36 -4.63 -8.22
N THR A 217 -11.51 -4.02 -8.51
CA THR A 217 -11.61 -3.15 -9.68
C THR A 217 -12.37 -1.91 -9.24
N PRO A 218 -12.04 -0.75 -9.83
CA PRO A 218 -12.77 0.44 -9.49
C PRO A 218 -14.25 0.27 -9.82
N LYS A 219 -15.11 0.96 -9.06
CA LYS A 219 -16.54 0.91 -9.29
C LYS A 219 -16.96 1.67 -10.54
N ALA A 220 -16.14 2.66 -10.93
CA ALA A 220 -16.39 3.54 -12.07
C ALA A 220 -15.08 4.25 -12.38
N LYS A 221 -14.97 4.89 -13.54
CA LYS A 221 -13.76 5.66 -13.88
C LYS A 221 -13.63 6.87 -12.98
N TYR A 222 -12.37 7.18 -12.66
CA TYR A 222 -12.06 8.38 -11.88
C TYR A 222 -12.05 9.57 -12.82
N HIS A 223 -12.76 10.64 -12.46
CA HIS A 223 -12.85 11.82 -13.33
C HIS A 223 -11.90 12.94 -12.94
N GLY A 224 -11.33 12.86 -11.74
CA GLY A 224 -10.39 13.85 -11.26
C GLY A 224 -9.06 13.70 -11.96
N ASN A 225 -8.12 14.56 -11.65
CA ASN A 225 -6.83 14.40 -12.31
C ASN A 225 -5.86 13.56 -11.50
N VAL A 226 -4.95 12.94 -12.22
CA VAL A 226 -4.05 11.97 -11.62
C VAL A 226 -2.64 12.30 -12.05
N MET A 227 -1.72 12.25 -11.10
CA MET A 227 -0.33 12.42 -11.40
C MET A 227 0.36 11.12 -11.06
N LEU A 228 0.93 10.45 -12.06
CA LEU A 228 1.69 9.22 -11.89
C LEU A 228 3.20 9.51 -11.94
N LEU A 229 3.90 9.25 -10.83
CA LEU A 229 5.33 9.42 -10.76
C LEU A 229 5.86 8.01 -10.64
N ARG A 230 6.47 7.52 -11.72
CA ARG A 230 6.82 6.12 -11.84
C ARG A 230 8.30 5.85 -12.13
N ALA A 231 8.75 4.64 -11.77
CA ALA A 231 10.10 4.17 -12.12
C ALA A 231 10.25 3.88 -13.61
N ALA A 240 2.93 -6.14 -20.35
CA ALA A 240 3.35 -5.06 -19.46
C ALA A 240 2.18 -4.14 -19.07
N ALA A 241 2.43 -3.28 -18.09
CA ALA A 241 1.44 -2.30 -17.62
C ALA A 241 1.50 -1.00 -18.41
N GLY A 242 2.45 -0.94 -19.36
CA GLY A 242 2.55 0.20 -20.26
C GLY A 242 2.98 1.51 -19.63
N ALA A 243 2.94 2.58 -20.44
CA ALA A 243 3.46 3.88 -20.03
C ALA A 243 2.75 4.48 -18.82
N ASP A 244 1.45 4.22 -18.69
CA ASP A 244 0.66 4.82 -17.62
C ASP A 244 0.12 3.80 -16.61
N TYR A 245 0.72 2.61 -16.57
CA TYR A 245 0.28 1.55 -15.66
C TYR A 245 -1.23 1.29 -15.81
N ASN A 246 -1.70 1.39 -17.05
CA ASN A 246 -3.10 1.10 -17.42
C ASN A 246 -4.11 2.13 -16.90
N LEU A 247 -3.64 3.27 -16.40
CA LEU A 247 -4.54 4.27 -15.80
C LEU A 247 -5.61 4.81 -16.76
N SER A 248 -5.29 4.94 -18.06
CA SER A 248 -6.29 5.42 -19.02
C SER A 248 -7.54 4.54 -19.01
N GLN A 249 -7.39 3.27 -18.65
CA GLN A 249 -8.54 2.36 -18.64
C GLN A 249 -9.53 2.67 -17.53
N VAL A 250 -9.07 3.37 -16.49
CA VAL A 250 -9.89 3.60 -15.31
C VAL A 250 -9.99 5.10 -14.95
N CYS A 251 -9.46 5.96 -15.82
CA CYS A 251 -9.48 7.41 -15.63
C CYS A 251 -10.04 8.12 -16.85
N ASP A 252 -11.01 9.01 -16.66
CA ASP A 252 -11.46 9.85 -17.77
C ASP A 252 -11.00 11.32 -17.66
N GLY A 253 -10.19 11.61 -16.64
CA GLY A 253 -9.63 12.94 -16.49
C GLY A 253 -8.23 12.99 -17.02
N LYS A 254 -7.48 14.02 -16.62
CA LYS A 254 -6.11 14.10 -17.05
C LYS A 254 -5.24 13.09 -16.30
N VAL A 255 -4.43 12.34 -17.04
CA VAL A 255 -3.41 11.45 -16.47
C VAL A 255 -2.06 11.98 -16.90
N SER A 256 -1.39 12.63 -15.95
CA SER A 256 -0.08 13.18 -16.20
C SER A 256 0.97 12.21 -15.67
N VAL A 257 1.97 11.93 -16.49
CA VAL A 257 2.99 10.95 -16.13
C VAL A 257 4.35 11.60 -16.15
N HIS A 258 5.15 11.29 -15.13
CA HIS A 258 6.56 11.63 -15.12
C HIS A 258 7.40 10.46 -14.60
N VAL A 259 8.45 10.10 -15.35
CA VAL A 259 9.37 9.02 -14.97
C VAL A 259 10.50 9.55 -14.06
N ILE A 260 10.65 8.89 -12.92
CA ILE A 260 11.52 9.27 -11.80
C ILE A 260 12.69 8.30 -11.75
N GLU A 261 13.87 8.81 -11.41
CA GLU A 261 15.07 7.98 -11.34
C GLU A 261 15.02 7.03 -10.15
N GLY A 262 15.55 5.83 -10.35
CA GLY A 262 15.59 4.80 -9.33
C GLY A 262 14.74 3.63 -9.74
N ASP A 263 14.76 2.57 -8.93
CA ASP A 263 13.92 1.41 -9.16
C ASP A 263 12.62 1.59 -8.37
N HIS A 264 11.82 0.52 -8.27
CA HIS A 264 10.53 0.58 -7.59
C HIS A 264 10.65 0.93 -6.10
N ALA A 265 11.85 0.77 -5.53
CA ALA A 265 12.12 1.08 -4.11
C ALA A 265 12.91 2.38 -3.89
N THR A 266 13.90 2.65 -4.72
CA THR A 266 14.78 3.80 -4.48
C THR A 266 14.21 5.11 -4.97
N LEU A 267 13.03 5.07 -5.60
CA LEU A 267 12.51 6.29 -6.18
C LEU A 267 12.11 7.31 -5.11
N LEU A 268 11.92 6.87 -3.87
CA LEU A 268 11.55 7.77 -2.77
C LEU A 268 12.75 8.24 -1.96
N GLU A 269 13.94 8.02 -2.52
CA GLU A 269 15.19 8.48 -1.91
C GLU A 269 16.05 9.12 -2.98
N GLY A 270 17.18 9.69 -2.57
CA GLY A 270 18.14 10.24 -3.54
C GLY A 270 17.55 11.13 -4.64
N SER A 271 17.92 10.81 -5.89
CA SER A 271 17.50 11.61 -7.05
C SER A 271 16.01 11.64 -7.32
N GLY A 272 15.38 10.46 -7.33
CA GLY A 272 13.93 10.38 -7.44
C GLY A 272 13.25 11.30 -6.46
N LEU A 273 13.72 11.31 -5.22
CA LEU A 273 13.12 12.12 -4.18
C LEU A 273 13.09 13.61 -4.49
N GLU A 274 14.21 14.14 -5.00
CA GLU A 274 14.25 15.54 -5.38
C GLU A 274 13.20 15.90 -6.42
N SER A 275 12.99 14.99 -7.38
CA SER A 275 11.94 15.18 -8.40
C SER A 275 10.54 15.17 -7.83
N ILE A 276 10.27 14.19 -6.96
CA ILE A 276 8.97 14.08 -6.30
C ILE A 276 8.69 15.34 -5.48
N ILE A 277 9.68 15.80 -4.71
CA ILE A 277 9.51 17.00 -3.91
C ILE A 277 9.16 18.19 -4.81
N SER A 278 9.91 18.35 -5.91
CA SER A 278 9.67 19.45 -6.84
C SER A 278 8.28 19.41 -7.46
N ILE A 279 7.82 18.20 -7.81
CA ILE A 279 6.52 18.09 -8.44
C ILE A 279 5.37 18.29 -7.45
N ILE A 280 5.54 17.82 -6.21
CA ILE A 280 4.55 18.11 -5.19
C ILE A 280 4.44 19.62 -5.00
N HIS A 281 5.59 20.28 -4.90
CA HIS A 281 5.56 21.71 -4.63
C HIS A 281 4.94 22.55 -5.78
N SER A 282 5.10 22.09 -7.02
CA SER A 282 4.53 22.79 -8.19
C SER A 282 3.10 22.41 -8.57
N SER A 283 2.74 21.14 -8.32
CA SER A 283 1.51 20.61 -8.91
C SER A 283 0.57 19.97 -7.89
C1 7FA B . 4.55 -3.99 -4.08
P1 7FA B . 4.69 -2.40 -3.28
C2 7FA B . 3.18 -4.32 -4.57
O2 7FA B . 6.15 -2.17 -2.70
C3 7FA B . 3.13 -5.76 -5.02
C4 7FA B . 3.23 -6.70 -3.84
C5 7FA B . 3.01 -8.13 -4.24
C6 7FA B . 4.34 -8.80 -4.48
C7 7FA B . 4.55 -10.13 -4.41
C8 7FA B . 3.49 -11.14 -4.09
C9 7FA B . 4.15 -12.30 -3.41
CM 7FA B . 6.52 -2.53 -1.38
C10 7FA B . 3.53 -13.46 -3.10
C11 7FA B . 2.08 -13.71 -3.41
C12 7FA B . 1.91 -15.17 -3.70
C13 7FA B . 0.68 -15.71 -3.76
C14 7FA B . -0.16 -15.57 -5.00
C15 7FA B . -1.62 -15.57 -4.66
C16 7FA B . -1.97 -14.22 -4.10
C17 7FA B . -2.47 -14.43 -2.70
C18 7FA B . -3.68 -13.58 -2.54
O1 7FA B . 3.52 -2.25 -2.20
#